data_3IKK
#
_entry.id   3IKK
#
_cell.length_a   144.024
_cell.length_b   144.024
_cell.length_c   34.791
_cell.angle_alpha   90.00
_cell.angle_beta   90.00
_cell.angle_gamma   120.00
#
_symmetry.space_group_name_H-M   'H 3'
#
loop_
_entity.id
_entity.type
_entity.pdbx_description
1 polymer 'Vesicle-associated membrane protein-associated protein B/C'
2 water water
#
_entity_poly.entity_id   1
_entity_poly.type   'polypeptide(L)'
_entity_poly.pdbx_seq_one_letter_code
;GSMAKVEQVLSLEPQHELKFRGPFTDVVTTNLKLGNPTDRNVCFKVKTTAPRRYCVRPNSGIIDAGASINVSVMLQPFDY
DPNEKSKHKFMVQSMFAPTDTSDMEAVWKEAKPEDLMDSKLRCVFEL
;
_entity_poly.pdbx_strand_id   A,B
#
# COMPACT_ATOMS: atom_id res chain seq x y z
N MET A 3 -8.32 16.96 25.01
CA MET A 3 -8.88 18.07 25.78
C MET A 3 -9.51 19.13 24.86
N ALA A 4 -10.85 19.09 24.70
CA ALA A 4 -11.71 18.08 25.31
C ALA A 4 -11.76 16.83 24.41
N LYS A 5 -10.64 16.13 24.33
CA LYS A 5 -10.47 15.06 23.35
C LYS A 5 -11.00 13.72 23.85
N VAL A 6 -11.91 13.14 23.09
CA VAL A 6 -12.56 11.89 23.51
C VAL A 6 -11.63 10.71 23.29
N GLU A 7 -11.39 9.94 24.36
CA GLU A 7 -10.54 8.77 24.27
C GLU A 7 -11.06 7.81 23.22
N GLN A 8 -10.16 7.01 22.67
CA GLN A 8 -10.50 6.12 21.56
C GLN A 8 -11.68 5.20 21.83
N VAL A 9 -12.63 5.20 20.91
CA VAL A 9 -13.81 4.34 21.03
C VAL A 9 -13.50 2.95 20.53
N LEU A 10 -12.67 2.86 19.51
CA LEU A 10 -12.33 1.56 18.95
C LEU A 10 -11.47 0.77 19.91
N SER A 11 -11.70 -0.53 19.99
CA SER A 11 -10.72 -1.44 20.57
C SER A 11 -9.65 -1.76 19.52
N LEU A 12 -8.41 -1.92 19.97
CA LEU A 12 -7.31 -2.37 19.11
C LEU A 12 -6.77 -3.68 19.62
N GLU A 13 -6.20 -4.48 18.73
CA GLU A 13 -5.53 -5.71 19.11
C GLU A 13 -4.47 -6.04 18.08
N PRO A 14 -3.20 -5.83 18.42
CA PRO A 14 -2.67 -5.38 19.72
C PRO A 14 -3.10 -3.96 20.07
N GLN A 15 -2.95 -3.56 21.33
CA GLN A 15 -3.32 -2.21 21.70
C GLN A 15 -2.18 -1.19 21.83
N HIS A 16 -0.92 -1.66 21.96
CA HIS A 16 0.19 -0.77 22.30
C HIS A 16 1.38 -0.83 21.34
N GLU A 17 1.62 -1.99 20.74
CA GLU A 17 2.71 -2.08 19.79
C GLU A 17 2.46 -3.18 18.80
N LEU A 18 3.06 -3.05 17.63
CA LEU A 18 2.93 -4.04 16.57
C LEU A 18 4.28 -4.66 16.42
N LYS A 19 4.32 -5.99 16.47
CA LYS A 19 5.56 -6.72 16.32
C LYS A 19 5.64 -7.36 14.94
N PHE A 20 6.87 -7.57 14.49
CA PHE A 20 7.13 -8.09 13.16
C PHE A 20 8.12 -9.22 13.22
N ARG A 21 7.77 -10.35 12.62
CA ARG A 21 8.64 -11.52 12.71
C ARG A 21 9.44 -11.71 11.42
N GLY A 22 10.75 -11.66 11.56
CA GLY A 22 11.63 -11.89 10.44
C GLY A 22 11.82 -13.37 10.24
N PRO A 23 12.74 -13.76 9.34
CA PRO A 23 13.69 -12.84 8.72
C PRO A 23 13.00 -11.80 7.86
N PHE A 24 13.55 -10.61 7.84
CA PHE A 24 13.03 -9.53 7.03
C PHE A 24 13.67 -9.56 5.64
N THR A 25 13.97 -10.80 5.21
CA THR A 25 14.35 -11.11 3.84
C THR A 25 13.21 -10.73 2.91
N ASP A 26 12.02 -11.21 3.26
CA ASP A 26 10.83 -10.98 2.49
C ASP A 26 9.94 -9.93 3.13
N VAL A 27 8.76 -9.74 2.53
CA VAL A 27 7.77 -8.88 3.12
C VAL A 27 7.16 -9.60 4.33
N VAL A 28 7.11 -8.88 5.44
CA VAL A 28 6.60 -9.38 6.70
C VAL A 28 5.29 -8.61 6.93
N THR A 29 4.29 -9.28 7.48
CA THR A 29 2.94 -8.76 7.60
C THR A 29 2.44 -9.04 9.02
N THR A 30 1.54 -8.20 9.53
CA THR A 30 0.95 -8.47 10.82
C THR A 30 -0.40 -7.78 10.94
N ASN A 31 -1.38 -8.44 11.55
CA ASN A 31 -2.69 -7.83 11.69
C ASN A 31 -2.76 -6.86 12.85
N LEU A 32 -3.54 -5.82 12.61
CA LEU A 32 -4.10 -4.99 13.66
C LEU A 32 -5.60 -5.24 13.51
N LYS A 33 -6.26 -5.64 14.59
CA LYS A 33 -7.71 -5.73 14.53
C LYS A 33 -8.32 -4.55 15.22
N LEU A 34 -9.19 -3.85 14.48
CA LEU A 34 -10.01 -2.77 15.03
C LEU A 34 -11.46 -3.26 15.21
N GLY A 35 -12.08 -2.87 16.32
CA GLY A 35 -13.46 -3.24 16.62
C GLY A 35 -14.35 -2.07 17.04
N ASN A 36 -15.63 -2.13 16.68
CA ASN A 36 -16.55 -1.00 16.88
C ASN A 36 -17.69 -1.36 17.83
N PRO A 37 -17.57 -0.98 19.10
CA PRO A 37 -18.58 -1.42 20.07
C PRO A 37 -19.79 -0.49 20.17
N THR A 38 -19.90 0.49 19.28
CA THR A 38 -21.00 1.45 19.36
C THR A 38 -22.12 1.16 18.37
N ASP A 39 -23.17 1.98 18.43
CA ASP A 39 -24.31 1.87 17.52
C ASP A 39 -24.20 2.82 16.33
N ARG A 40 -22.99 3.33 16.10
CA ARG A 40 -22.69 4.17 14.94
C ARG A 40 -21.42 3.69 14.24
N ASN A 41 -21.38 3.84 12.93
CA ASN A 41 -20.19 3.58 12.15
C ASN A 41 -19.05 4.53 12.50
N VAL A 42 -17.84 4.01 12.49
CA VAL A 42 -16.68 4.80 12.88
C VAL A 42 -15.64 4.84 11.74
N CYS A 43 -15.52 6.01 11.12
CA CYS A 43 -14.53 6.17 10.07
C CYS A 43 -13.16 6.01 10.69
N PHE A 44 -12.22 5.47 9.94
CA PHE A 44 -10.87 5.32 10.43
C PHE A 44 -9.80 5.67 9.38
N LYS A 45 -8.60 6.01 9.84
CA LYS A 45 -7.42 6.09 9.00
C LYS A 45 -6.34 5.33 9.72
N VAL A 46 -5.52 4.60 8.98
CA VAL A 46 -4.34 3.96 9.57
C VAL A 46 -3.10 4.61 8.97
N LYS A 47 -2.43 5.43 9.77
CA LYS A 47 -1.23 6.12 9.32
C LYS A 47 0.06 5.47 9.85
N THR A 48 1.17 5.80 9.18
CA THR A 48 2.44 5.19 9.52
C THR A 48 3.51 6.25 9.47
N THR A 49 4.60 5.98 10.16
CA THR A 49 5.73 6.89 10.25
C THR A 49 6.62 6.82 9.01
N ALA A 50 6.75 5.62 8.46
CA ALA A 50 7.60 5.39 7.29
C ALA A 50 6.77 4.83 6.14
N PRO A 51 6.07 5.71 5.42
CA PRO A 51 5.25 5.38 4.25
C PRO A 51 5.97 4.46 3.25
N ARG A 52 7.21 4.80 2.92
CA ARG A 52 7.93 4.09 1.88
C ARG A 52 8.28 2.68 2.34
N ARG A 53 8.33 2.50 3.67
CA ARG A 53 8.70 1.23 4.32
C ARG A 53 7.51 0.30 4.61
N TYR A 54 6.31 0.87 4.76
CA TYR A 54 5.15 0.10 5.16
C TYR A 54 4.06 0.25 4.12
N CYS A 55 3.03 -0.60 4.23
CA CYS A 55 1.78 -0.43 3.49
C CYS A 55 0.66 -0.96 4.36
N VAL A 56 -0.43 -0.22 4.43
CA VAL A 56 -1.55 -0.63 5.26
C VAL A 56 -2.79 -0.94 4.42
N ARG A 57 -3.36 -2.13 4.60
CA ARG A 57 -4.59 -2.51 3.92
C ARG A 57 -5.61 -3.15 4.89
N PRO A 58 -6.72 -2.43 5.20
CA PRO A 58 -7.06 -1.13 4.60
C PRO A 58 -6.35 0.03 5.29
N ASN A 59 -6.03 1.09 4.55
CA ASN A 59 -5.47 2.30 5.12
C ASN A 59 -6.52 3.23 5.74
N SER A 60 -7.68 3.32 5.11
CA SER A 60 -8.78 4.09 5.66
C SER A 60 -10.04 3.23 5.62
N GLY A 61 -11.19 3.81 5.93
CA GLY A 61 -12.45 3.08 5.89
C GLY A 61 -13.46 3.41 6.98
N ILE A 62 -14.67 2.86 6.85
CA ILE A 62 -15.73 2.97 7.87
C ILE A 62 -16.07 1.60 8.47
N ILE A 63 -15.93 1.48 9.78
CA ILE A 63 -16.22 0.21 10.44
C ILE A 63 -17.61 0.26 11.01
N ASP A 64 -18.49 -0.52 10.39
CA ASP A 64 -19.88 -0.61 10.81
C ASP A 64 -19.99 -0.75 12.32
N ALA A 65 -21.20 -0.52 12.85
CA ALA A 65 -21.41 -0.55 14.29
C ALA A 65 -21.42 -1.99 14.77
N GLY A 66 -20.52 -2.30 15.69
CA GLY A 66 -20.46 -3.63 16.28
C GLY A 66 -19.58 -4.56 15.47
N ALA A 67 -18.86 -4.00 14.52
CA ALA A 67 -18.05 -4.81 13.62
C ALA A 67 -16.58 -4.69 13.92
N SER A 68 -15.82 -5.64 13.38
CA SER A 68 -14.38 -5.71 13.52
C SER A 68 -13.78 -5.87 12.15
N ILE A 69 -12.63 -5.26 11.93
CA ILE A 69 -11.89 -5.52 10.70
C ILE A 69 -10.42 -5.76 10.98
N ASN A 70 -9.82 -6.63 10.18
CA ASN A 70 -8.41 -6.94 10.34
C ASN A 70 -7.60 -6.08 9.39
N VAL A 71 -6.71 -5.26 9.94
CA VAL A 71 -5.87 -4.43 9.10
C VAL A 71 -4.54 -5.11 8.87
N SER A 72 -4.16 -5.28 7.61
CA SER A 72 -2.85 -5.81 7.31
C SER A 72 -1.78 -4.71 7.32
N VAL A 73 -0.83 -4.82 8.23
CA VAL A 73 0.37 -3.98 8.21
C VAL A 73 1.60 -4.75 7.69
N MET A 74 2.18 -4.22 6.62
CA MET A 74 3.12 -4.97 5.79
C MET A 74 4.45 -4.24 5.66
N LEU A 75 5.54 -4.93 6.01
CA LEU A 75 6.88 -4.35 6.03
C LEU A 75 7.67 -4.83 4.82
N GLN A 76 8.37 -3.92 4.17
CA GLN A 76 9.15 -4.29 3.00
C GLN A 76 10.42 -4.95 3.46
N PRO A 77 11.01 -5.78 2.58
CA PRO A 77 12.24 -6.51 2.92
C PRO A 77 13.36 -5.54 3.25
N PHE A 78 14.26 -5.94 4.14
CA PHE A 78 15.42 -5.11 4.42
C PHE A 78 16.52 -5.87 5.15
N ASP A 79 17.61 -5.17 5.40
CA ASP A 79 18.71 -5.74 6.16
C ASP A 79 18.48 -5.37 7.62
N TYR A 80 18.19 -6.36 8.44
CA TYR A 80 17.99 -6.13 9.87
C TYR A 80 19.29 -5.62 10.46
N ASP A 81 19.33 -5.45 11.77
CA ASP A 81 20.46 -4.79 12.40
C ASP A 81 20.39 -5.01 13.91
N PRO A 82 19.99 -6.22 14.32
CA PRO A 82 19.65 -6.61 15.69
C PRO A 82 19.60 -5.53 16.79
N ASN A 83 20.72 -4.94 17.18
CA ASN A 83 20.70 -3.97 18.29
C ASN A 83 19.96 -2.67 18.00
N GLU A 84 19.84 -2.30 16.72
CA GLU A 84 18.97 -1.19 16.33
C GLU A 84 17.62 -1.22 17.07
N LYS A 85 17.00 -0.06 17.22
CA LYS A 85 15.66 0.02 17.78
C LYS A 85 14.69 0.43 16.70
N SER A 86 13.47 -0.07 16.79
CA SER A 86 12.44 0.34 15.82
C SER A 86 11.78 1.59 16.33
N LYS A 87 11.87 2.67 15.56
CA LYS A 87 11.24 3.93 15.94
C LYS A 87 10.08 4.29 15.03
N HIS A 88 9.49 3.29 14.40
CA HIS A 88 8.27 3.54 13.65
C HIS A 88 7.11 3.52 14.60
N LYS A 89 6.19 4.43 14.33
CA LYS A 89 4.94 4.48 15.06
C LYS A 89 3.82 4.31 14.06
N PHE A 90 2.76 3.65 14.52
CA PHE A 90 1.60 3.49 13.69
C PHE A 90 0.48 4.17 14.47
N MET A 91 -0.45 4.75 13.74
CA MET A 91 -1.49 5.55 14.36
C MET A 91 -2.82 5.23 13.73
N VAL A 92 -3.83 5.23 14.59
CA VAL A 92 -5.20 5.08 14.16
C VAL A 92 -5.94 6.36 14.51
N GLN A 93 -6.48 7.01 13.48
CA GLN A 93 -7.36 8.14 13.63
C GLN A 93 -8.78 7.66 13.37
N SER A 94 -9.66 7.91 14.33
CA SER A 94 -11.05 7.50 14.20
C SER A 94 -11.97 8.67 14.39
N MET A 95 -13.25 8.42 14.20
CA MET A 95 -14.22 9.48 14.09
C MET A 95 -15.56 8.84 13.74
N PHE A 96 -16.60 9.14 14.51
CA PHE A 96 -17.93 8.62 14.21
C PHE A 96 -18.40 9.20 12.90
N ALA A 97 -18.72 8.35 11.92
CA ALA A 97 -19.29 8.82 10.66
C ALA A 97 -20.60 9.57 10.95
N PRO A 98 -20.55 10.92 10.94
CA PRO A 98 -21.60 11.79 11.51
C PRO A 98 -23.03 11.29 11.29
N THR A 99 -23.83 11.30 12.37
CA THR A 99 -25.17 10.69 12.39
C THR A 99 -26.02 10.92 11.12
N ASP A 100 -25.66 11.91 10.31
CA ASP A 100 -26.40 12.25 9.10
C ASP A 100 -25.49 12.24 7.86
N THR A 101 -24.23 11.84 8.06
CA THR A 101 -23.19 11.93 7.03
C THR A 101 -23.65 11.62 5.61
N SER A 102 -23.16 12.39 4.66
CA SER A 102 -23.42 12.09 3.26
C SER A 102 -22.44 11.02 2.77
N ASP A 103 -21.19 11.08 3.24
CA ASP A 103 -20.21 10.02 2.93
C ASP A 103 -18.95 10.05 3.81
N MET A 104 -17.78 9.95 3.19
CA MET A 104 -16.50 10.16 3.88
C MET A 104 -15.49 10.77 2.92
N GLU A 105 -15.79 11.96 2.42
CA GLU A 105 -14.98 12.58 1.40
C GLU A 105 -14.08 13.67 1.99
N ALA A 106 -14.63 14.88 2.07
CA ALA A 106 -13.90 16.04 2.56
C ALA A 106 -14.12 16.14 4.06
N VAL A 107 -14.67 15.08 4.62
CA VAL A 107 -14.98 15.05 6.05
C VAL A 107 -13.71 15.20 6.86
N TRP A 108 -12.65 14.53 6.42
CA TRP A 108 -11.40 14.49 7.16
C TRP A 108 -10.77 15.86 7.33
N LYS A 109 -10.55 16.57 6.22
CA LYS A 109 -9.92 17.88 6.31
C LYS A 109 -10.74 18.82 7.19
N GLU A 110 -12.06 18.81 7.05
CA GLU A 110 -12.87 19.70 7.88
C GLU A 110 -13.20 19.15 9.26
N ALA A 111 -12.57 18.04 9.63
CA ALA A 111 -12.81 17.45 10.96
C ALA A 111 -12.11 18.26 12.05
N LYS A 112 -12.82 18.50 13.14
CA LYS A 112 -12.25 19.23 14.27
C LYS A 112 -11.27 18.35 15.03
N PRO A 113 -10.52 18.95 15.96
CA PRO A 113 -9.59 18.16 16.77
C PRO A 113 -10.35 17.40 17.84
N GLU A 114 -11.57 17.84 18.09
CA GLU A 114 -12.42 17.23 19.10
C GLU A 114 -13.03 15.96 18.52
N ASP A 115 -13.55 16.07 17.32
CA ASP A 115 -14.17 14.93 16.66
C ASP A 115 -13.19 13.80 16.37
N LEU A 116 -11.90 14.10 16.47
CA LEU A 116 -10.87 13.13 16.13
C LEU A 116 -10.45 12.34 17.34
N MET A 117 -10.28 11.04 17.17
CA MET A 117 -9.73 10.18 18.23
C MET A 117 -8.45 9.50 17.74
N ASP A 118 -7.34 9.81 18.41
CA ASP A 118 -6.04 9.25 18.06
C ASP A 118 -5.57 8.14 19.02
N SER A 119 -4.70 7.28 18.51
CA SER A 119 -4.09 6.19 19.27
C SER A 119 -2.82 5.89 18.53
N LYS A 120 -1.70 5.83 19.23
CA LYS A 120 -0.43 5.52 18.60
C LYS A 120 0.04 4.17 19.07
N LEU A 121 0.75 3.45 18.20
CA LEU A 121 1.35 2.16 18.57
C LEU A 121 2.84 2.20 18.30
N ARG A 122 3.60 1.51 19.14
CA ARG A 122 5.04 1.39 18.95
C ARG A 122 5.29 0.34 17.90
N CYS A 123 6.54 0.21 17.48
CA CYS A 123 6.89 -0.89 16.62
C CYS A 123 8.00 -1.72 17.24
N VAL A 124 7.97 -3.03 16.99
CA VAL A 124 9.06 -3.91 17.40
C VAL A 124 9.39 -4.88 16.29
N PHE A 125 10.68 -5.15 16.11
CA PHE A 125 11.13 -6.23 15.24
C PHE A 125 11.44 -7.49 16.03
N GLU A 126 11.56 -8.62 15.35
CA GLU A 126 11.70 -9.91 16.02
C GLU A 126 12.43 -10.91 15.16
N LEU A 127 13.46 -11.53 15.73
CA LEU A 127 14.15 -12.63 15.08
C LEU A 127 15.17 -12.12 14.08
N MET B 3 0.58 5.92 -36.31
CA MET B 3 0.25 5.54 -34.93
C MET B 3 1.50 5.52 -34.04
N ALA B 4 1.49 6.37 -33.03
CA ALA B 4 2.63 6.54 -32.13
C ALA B 4 2.42 5.76 -30.82
N LYS B 5 3.43 5.75 -29.95
CA LYS B 5 4.70 6.42 -30.20
C LYS B 5 5.87 5.46 -29.99
N VAL B 6 6.12 5.12 -28.73
CA VAL B 6 7.23 4.24 -28.39
C VAL B 6 6.71 3.01 -27.66
N GLU B 7 7.44 1.90 -27.80
CA GLU B 7 7.18 0.73 -26.97
C GLU B 7 7.97 0.88 -25.67
N GLN B 8 7.51 0.23 -24.60
CA GLN B 8 8.12 0.37 -23.29
C GLN B 8 9.65 0.30 -23.34
N VAL B 9 10.29 1.28 -22.73
CA VAL B 9 11.75 1.32 -22.64
C VAL B 9 12.22 0.26 -21.67
N LEU B 10 11.65 0.31 -20.46
CA LEU B 10 12.04 -0.55 -19.36
C LEU B 10 12.04 -2.02 -19.74
N SER B 11 12.53 -2.85 -18.82
CA SER B 11 12.44 -4.29 -18.96
C SER B 11 11.72 -4.82 -17.72
N LEU B 12 10.74 -5.68 -17.94
CA LEU B 12 9.96 -6.21 -16.84
C LEU B 12 10.31 -7.68 -16.63
N GLU B 13 10.27 -8.10 -15.38
CA GLU B 13 10.61 -9.48 -15.08
C GLU B 13 9.93 -9.89 -13.78
N PRO B 14 8.80 -10.60 -13.90
CA PRO B 14 8.29 -11.19 -15.14
C PRO B 14 7.79 -10.19 -16.20
N GLN B 15 7.82 -10.65 -17.44
CA GLN B 15 7.48 -9.80 -18.56
C GLN B 15 5.98 -9.68 -18.77
N HIS B 16 5.27 -10.77 -18.51
CA HIS B 16 3.88 -10.88 -18.92
C HIS B 16 2.91 -11.05 -17.75
N GLU B 17 3.26 -11.93 -16.83
CA GLU B 17 2.28 -12.51 -15.94
C GLU B 17 2.84 -12.65 -14.54
N LEU B 18 2.16 -12.02 -13.59
CA LEU B 18 2.53 -12.10 -12.18
C LEU B 18 1.95 -13.33 -11.52
N LYS B 19 2.78 -14.12 -10.85
CA LYS B 19 2.24 -15.27 -10.12
C LYS B 19 2.19 -15.07 -8.60
N PHE B 20 1.15 -15.62 -7.99
CA PHE B 20 0.93 -15.52 -6.56
C PHE B 20 0.69 -16.90 -6.03
N ARG B 21 1.43 -17.28 -5.00
CA ARG B 21 1.36 -18.64 -4.47
C ARG B 21 0.71 -18.72 -3.08
N GLY B 22 -0.31 -19.57 -2.97
CA GLY B 22 -1.05 -19.75 -1.74
C GLY B 22 -0.30 -20.48 -0.63
N PRO B 23 -0.97 -20.67 0.52
CA PRO B 23 -2.39 -20.33 0.76
C PRO B 23 -2.60 -18.82 0.79
N PHE B 24 -3.81 -18.39 0.44
CA PHE B 24 -4.10 -16.97 0.40
C PHE B 24 -4.76 -16.56 1.72
N THR B 25 -4.57 -17.40 2.72
CA THR B 25 -4.98 -17.10 4.09
C THR B 25 -4.32 -15.80 4.57
N ASP B 26 -3.20 -15.42 3.96
CA ASP B 26 -2.41 -14.28 4.43
C ASP B 26 -1.85 -13.53 3.22
N VAL B 27 -1.31 -12.33 3.45
CA VAL B 27 -0.81 -11.53 2.35
C VAL B 27 0.18 -12.35 1.54
N VAL B 28 0.10 -12.20 0.22
CA VAL B 28 0.97 -12.89 -0.71
C VAL B 28 1.68 -11.85 -1.55
N THR B 29 3.01 -11.92 -1.59
CA THR B 29 3.81 -10.97 -2.35
C THR B 29 4.44 -11.60 -3.59
N THR B 30 4.39 -10.91 -4.72
CA THR B 30 5.30 -11.24 -5.81
C THR B 30 6.06 -10.00 -6.33
N ASN B 31 7.38 -10.15 -6.55
CA ASN B 31 8.17 -9.05 -7.11
C ASN B 31 7.97 -8.85 -8.61
N LEU B 32 8.00 -7.59 -9.00
CA LEU B 32 8.21 -7.22 -10.38
C LEU B 32 9.56 -6.55 -10.38
N LYS B 33 10.44 -6.94 -11.30
CA LYS B 33 11.70 -6.24 -11.39
C LYS B 33 11.79 -5.41 -12.65
N LEU B 34 11.87 -4.11 -12.47
CA LEU B 34 11.88 -3.16 -13.58
C LEU B 34 13.31 -2.74 -13.90
N GLY B 35 13.65 -2.81 -15.19
CA GLY B 35 14.93 -2.33 -15.68
C GLY B 35 14.86 -0.98 -16.39
N ASN B 36 15.98 -0.29 -16.37
CA ASN B 36 16.16 0.98 -17.07
C ASN B 36 17.47 0.89 -17.85
N PRO B 37 17.41 0.41 -19.10
CA PRO B 37 18.57 0.23 -19.97
C PRO B 37 19.16 1.54 -20.54
N THR B 38 18.60 2.71 -20.21
CA THR B 38 18.91 3.92 -20.95
C THR B 38 19.77 4.93 -20.19
N ASP B 39 20.21 5.98 -20.85
CA ASP B 39 21.06 6.97 -20.17
C ASP B 39 20.28 8.12 -19.50
N ARG B 40 18.96 7.99 -19.46
CA ARG B 40 18.07 8.99 -18.88
C ARG B 40 17.10 8.40 -17.83
N ASN B 41 16.94 9.08 -16.71
CA ASN B 41 16.06 8.63 -15.64
C ASN B 41 14.61 8.47 -16.06
N VAL B 42 14.04 7.29 -15.77
CA VAL B 42 12.67 6.98 -16.12
C VAL B 42 11.76 7.05 -14.91
N CYS B 43 10.68 7.83 -15.03
CA CYS B 43 9.67 7.91 -13.98
C CYS B 43 8.64 6.82 -14.19
N PHE B 44 8.30 6.12 -13.11
CA PHE B 44 7.32 5.06 -13.17
C PHE B 44 6.16 5.26 -12.19
N LYS B 45 5.03 4.64 -12.52
CA LYS B 45 3.88 4.58 -11.62
C LYS B 45 3.29 3.21 -11.83
N VAL B 46 3.30 2.38 -10.80
CA VAL B 46 2.70 1.05 -10.90
C VAL B 46 1.27 1.06 -10.41
N LYS B 47 0.35 0.85 -11.33
CA LYS B 47 -1.09 0.84 -11.01
C LYS B 47 -1.63 -0.58 -11.07
N THR B 48 -2.73 -0.83 -10.36
CA THR B 48 -3.44 -2.09 -10.54
C THR B 48 -4.93 -1.86 -10.67
N THR B 49 -5.65 -2.95 -10.95
CA THR B 49 -7.10 -2.90 -11.17
C THR B 49 -7.84 -2.88 -9.83
N ALA B 50 -7.31 -3.61 -8.86
CA ALA B 50 -7.98 -3.81 -7.58
C ALA B 50 -7.27 -3.12 -6.42
N PRO B 51 -7.28 -1.78 -6.41
CA PRO B 51 -6.53 -0.98 -5.43
C PRO B 51 -6.76 -1.41 -3.99
N ARG B 52 -7.95 -1.85 -3.63
CA ARG B 52 -8.19 -2.29 -2.26
C ARG B 52 -7.78 -3.75 -2.09
N ARG B 53 -7.48 -4.41 -3.19
CA ARG B 53 -7.03 -5.81 -3.16
C ARG B 53 -5.50 -5.93 -3.12
N TYR B 54 -4.82 -4.99 -3.79
CA TYR B 54 -3.37 -5.03 -3.86
C TYR B 54 -2.72 -3.84 -3.19
N CYS B 55 -1.41 -3.96 -2.93
CA CYS B 55 -0.57 -2.82 -2.61
C CYS B 55 0.68 -2.86 -3.49
N VAL B 56 1.27 -1.68 -3.72
CA VAL B 56 2.46 -1.61 -4.56
C VAL B 56 3.49 -0.72 -3.95
N ARG B 57 4.48 -1.33 -3.32
CA ARG B 57 5.67 -0.66 -2.82
C ARG B 57 6.89 -0.97 -3.73
N PRO B 58 7.35 0.00 -4.51
CA PRO B 58 6.90 1.37 -4.75
C PRO B 58 5.81 1.49 -5.79
N ASN B 59 4.83 2.34 -5.53
CA ASN B 59 3.74 2.55 -6.49
C ASN B 59 4.02 3.62 -7.53
N SER B 60 5.10 4.38 -7.31
CA SER B 60 5.55 5.43 -8.22
C SER B 60 7.08 5.61 -8.08
N GLY B 61 7.65 6.51 -8.88
CA GLY B 61 9.04 6.90 -8.67
C GLY B 61 9.92 7.00 -9.90
N ILE B 62 11.23 7.15 -9.66
CA ILE B 62 12.22 7.28 -10.73
C ILE B 62 13.25 6.16 -10.66
N ILE B 63 13.53 5.53 -11.80
CA ILE B 63 14.62 4.57 -11.92
C ILE B 63 15.85 5.21 -12.60
N ASP B 64 16.96 5.31 -11.87
CA ASP B 64 18.20 5.90 -12.41
C ASP B 64 18.60 5.19 -13.68
N ALA B 65 19.49 5.81 -14.45
CA ALA B 65 19.84 5.28 -15.77
C ALA B 65 20.72 4.04 -15.65
N GLY B 66 20.19 2.91 -16.10
CA GLY B 66 20.92 1.66 -16.07
C GLY B 66 20.67 0.86 -14.81
N ALA B 67 19.77 1.35 -13.96
CA ALA B 67 19.47 0.72 -12.68
C ALA B 67 18.20 -0.11 -12.68
N SER B 68 18.10 -0.99 -11.69
CA SER B 68 16.94 -1.86 -11.52
C SER B 68 16.22 -1.59 -10.22
N ILE B 69 14.93 -1.86 -10.21
CA ILE B 69 14.16 -1.79 -9.00
C ILE B 69 13.29 -3.06 -8.90
N ASN B 70 13.30 -3.71 -7.73
CA ASN B 70 12.37 -4.82 -7.51
C ASN B 70 11.11 -4.30 -6.86
N VAL B 71 10.00 -4.36 -7.58
CA VAL B 71 8.72 -3.87 -7.03
C VAL B 71 7.95 -4.95 -6.27
N SER B 72 7.77 -4.76 -4.97
CA SER B 72 6.91 -5.66 -4.19
C SER B 72 5.44 -5.44 -4.50
N VAL B 73 4.76 -6.48 -4.97
CA VAL B 73 3.33 -6.45 -5.29
C VAL B 73 2.57 -7.39 -4.37
N MET B 74 1.87 -6.81 -3.39
CA MET B 74 1.29 -7.57 -2.30
C MET B 74 -0.22 -7.80 -2.39
N LEU B 75 -0.62 -9.06 -2.30
CA LEU B 75 -2.02 -9.47 -2.41
C LEU B 75 -2.63 -9.76 -1.04
N GLN B 76 -3.81 -9.20 -0.78
CA GLN B 76 -4.45 -9.31 0.51
C GLN B 76 -5.13 -10.66 0.72
N PRO B 77 -5.25 -11.10 1.98
CA PRO B 77 -5.81 -12.44 2.24
C PRO B 77 -7.25 -12.60 1.71
N PHE B 78 -7.67 -13.82 1.40
CA PHE B 78 -9.04 -14.02 0.92
C PHE B 78 -9.36 -15.50 0.69
N ASP B 79 -10.65 -15.78 0.47
CA ASP B 79 -11.13 -17.13 0.17
C ASP B 79 -10.82 -17.48 -1.28
N TYR B 80 -10.07 -18.55 -1.46
CA TYR B 80 -9.57 -18.91 -2.79
C TYR B 80 -10.34 -20.09 -3.32
N ASP B 81 -10.68 -20.02 -4.60
CA ASP B 81 -11.23 -21.18 -5.28
C ASP B 81 -10.06 -21.79 -6.05
N PRO B 82 -10.14 -23.08 -6.38
CA PRO B 82 -9.06 -23.35 -7.33
C PRO B 82 -9.51 -22.97 -8.74
N ASN B 83 -10.79 -23.18 -9.04
CA ASN B 83 -11.33 -22.88 -10.36
C ASN B 83 -11.20 -21.41 -10.72
N GLU B 84 -11.89 -20.55 -9.96
CA GLU B 84 -11.90 -19.12 -10.23
C GLU B 84 -10.64 -18.67 -10.96
N LYS B 85 -10.81 -17.85 -11.99
CA LYS B 85 -9.68 -17.32 -12.73
C LYS B 85 -9.32 -15.96 -12.15
N SER B 86 -8.15 -15.44 -12.51
CA SER B 86 -7.82 -14.08 -12.10
C SER B 86 -7.93 -13.11 -13.29
N LYS B 87 -8.69 -12.05 -13.11
CA LYS B 87 -8.82 -11.03 -14.15
C LYS B 87 -8.14 -9.70 -13.75
N HIS B 88 -7.18 -9.80 -12.84
CA HIS B 88 -6.45 -8.63 -12.34
C HIS B 88 -5.30 -8.25 -13.27
N LYS B 89 -5.16 -6.95 -13.47
CA LYS B 89 -4.17 -6.41 -14.39
C LYS B 89 -3.26 -5.50 -13.59
N PHE B 90 -1.97 -5.59 -13.89
CA PHE B 90 -1.00 -4.69 -13.30
C PHE B 90 -0.46 -3.80 -14.38
N MET B 91 -0.58 -2.50 -14.14
CA MET B 91 -0.17 -1.49 -15.08
C MET B 91 1.01 -0.68 -14.57
N VAL B 92 2.11 -0.74 -15.30
CA VAL B 92 3.25 0.10 -15.00
C VAL B 92 3.35 1.22 -16.04
N GLN B 93 3.29 2.45 -15.54
CA GLN B 93 3.43 3.63 -16.37
C GLN B 93 4.81 4.25 -16.24
N SER B 94 5.30 4.77 -17.36
CA SER B 94 6.66 5.25 -17.46
C SER B 94 6.74 6.48 -18.36
N MET B 95 7.65 7.38 -18.01
CA MET B 95 7.97 8.50 -18.89
C MET B 95 9.31 9.08 -18.48
N PHE B 96 10.19 9.32 -19.46
CA PHE B 96 11.48 9.95 -19.21
C PHE B 96 11.31 11.19 -18.36
N ALA B 97 12.22 11.40 -17.40
CA ALA B 97 12.27 12.66 -16.66
C ALA B 97 13.15 13.63 -17.45
N PRO B 98 12.52 14.51 -18.25
CA PRO B 98 13.18 15.38 -19.23
C PRO B 98 14.61 15.78 -18.84
N THR B 99 15.49 15.89 -19.84
CA THR B 99 16.92 16.13 -19.59
C THR B 99 17.20 17.36 -18.72
N ASP B 100 16.16 18.14 -18.44
CA ASP B 100 16.33 19.38 -17.66
C ASP B 100 15.26 19.56 -16.56
N THR B 101 14.37 18.60 -16.40
CA THR B 101 13.29 18.70 -15.40
C THR B 101 13.77 19.18 -14.04
N SER B 102 12.82 19.51 -13.18
CA SER B 102 13.14 19.99 -11.84
C SER B 102 12.40 19.20 -10.75
N ASP B 103 11.29 18.55 -11.13
CA ASP B 103 10.55 17.69 -10.20
C ASP B 103 9.62 16.72 -10.94
N MET B 104 8.75 16.07 -10.16
CA MET B 104 7.81 15.11 -10.71
C MET B 104 6.42 15.21 -10.09
N GLU B 105 6.10 16.41 -9.62
CA GLU B 105 4.80 16.69 -9.01
C GLU B 105 3.65 16.64 -10.03
N ALA B 106 3.58 17.65 -10.89
CA ALA B 106 2.47 17.80 -11.82
C ALA B 106 2.76 17.13 -13.16
N VAL B 107 3.99 16.66 -13.33
CA VAL B 107 4.46 16.08 -14.58
C VAL B 107 3.51 15.03 -15.16
N TRP B 108 2.95 14.19 -14.28
CA TRP B 108 2.01 13.14 -14.70
C TRP B 108 0.71 13.74 -15.28
N LYS B 109 0.16 14.76 -14.61
CA LYS B 109 -1.12 15.32 -15.02
C LYS B 109 -0.99 16.15 -16.31
N GLU B 110 0.25 16.44 -16.70
CA GLU B 110 0.50 17.21 -17.92
C GLU B 110 1.38 16.46 -18.94
N ALA B 111 1.58 15.16 -18.70
CA ALA B 111 2.27 14.29 -19.63
C ALA B 111 1.35 13.89 -20.78
N LYS B 112 1.89 13.79 -22.00
CA LYS B 112 1.09 13.42 -23.17
C LYS B 112 0.73 11.93 -23.15
N PRO B 113 -0.11 11.47 -24.10
CA PRO B 113 -0.44 10.04 -24.14
C PRO B 113 0.61 9.25 -24.92
N GLU B 114 1.29 9.92 -25.85
CA GLU B 114 2.37 9.30 -26.62
C GLU B 114 3.67 9.34 -25.82
N ASP B 115 3.81 10.36 -24.99
CA ASP B 115 4.93 10.46 -24.07
C ASP B 115 4.86 9.35 -23.02
N LEU B 116 3.64 8.98 -22.63
CA LEU B 116 3.45 7.98 -21.60
C LEU B 116 3.84 6.58 -22.09
N MET B 117 4.19 5.71 -21.16
CA MET B 117 4.63 4.35 -21.47
C MET B 117 3.98 3.30 -20.56
N ASP B 118 3.20 2.40 -21.17
CA ASP B 118 2.39 1.44 -20.44
C ASP B 118 2.82 0.02 -20.78
N SER B 119 2.46 -0.92 -19.91
CA SER B 119 2.62 -2.35 -20.17
C SER B 119 1.73 -3.14 -19.19
N LYS B 120 0.97 -4.12 -19.68
CA LYS B 120 0.01 -4.80 -18.81
C LYS B 120 0.43 -6.21 -18.45
N LEU B 121 0.21 -6.61 -17.19
CA LEU B 121 0.58 -7.95 -16.77
C LEU B 121 -0.60 -8.76 -16.24
N ARG B 122 -0.72 -9.98 -16.76
CA ARG B 122 -1.73 -10.90 -16.26
C ARG B 122 -1.42 -11.16 -14.81
N CYS B 123 -2.39 -11.75 -14.12
CA CYS B 123 -2.24 -12.11 -12.73
C CYS B 123 -2.66 -13.56 -12.59
N VAL B 124 -1.90 -14.34 -11.84
CA VAL B 124 -2.19 -15.77 -11.71
C VAL B 124 -2.11 -16.22 -10.27
N PHE B 125 -3.15 -16.93 -9.81
CA PHE B 125 -3.13 -17.53 -8.49
C PHE B 125 -2.72 -19.01 -8.54
N GLU B 126 -1.86 -19.43 -7.63
CA GLU B 126 -1.36 -20.80 -7.58
C GLU B 126 -1.62 -21.43 -6.22
N LEU B 127 -1.43 -22.74 -6.15
CA LEU B 127 -1.71 -23.49 -4.93
C LEU B 127 -2.90 -22.92 -4.16
#